data_4QR6
#
_entry.id   4QR6
#
_cell.length_a   49.516
_cell.length_b   66.683
_cell.length_c   47.350
_cell.angle_alpha   90.00
_cell.angle_beta   92.56
_cell.angle_gamma   90.00
#
_symmetry.space_group_name_H-M   'P 1 21 1'
#
loop_
_entity.id
_entity.type
_entity.pdbx_description
1 polymer 'Aldose reductase'
2 non-polymer 'NADP NICOTINAMIDE-ADENINE-DINUCLEOTIDE PHOSPHATE'
3 non-polymer '{2-[(1,3-benzothiazol-2-ylmethyl)carbamoyl]-5-fluorophenoxy}acetic acid'
4 water water
#
_entity_poly.entity_id   1
_entity_poly.type   'polypeptide(L)'
_entity_poly.pdbx_seq_one_letter_code
;MASRILLNNGAKMPILGLGTWKSPPGQVTEAVKVAIDVGYRHIDCAHVYQNENEVGVAIQEKLREQVVKREELFIVSKLW
CTYHEKGLVKGACQKTLSDLKLDYLDLYLIHWPTGFKPGKEFFPLDESGNVVPSDTNILDTWAAMEELVDEGLVKAIGIS
NFNHLQVEMILNKPGLKYKPAVNQIECHPYLTQEKLIQYCQSKGIVVTAYSPLGSPDRPWAKPEDPSLLEDPRIKAIAAK
HNKTTAQVLIRFPMQRNLVVIPKSVTPERIAENFKVFDFELSSQDMTTLLSYNRNWRVCALLSCTSHKDYPFHEEF
;
_entity_poly.pdbx_strand_id   A
#
loop_
_chem_comp.id
_chem_comp.type
_chem_comp.name
_chem_comp.formula
37V non-polymer '{2-[(1,3-benzothiazol-2-ylmethyl)carbamoyl]-5-fluorophenoxy}acetic acid' 'C17 H13 F N2 O4 S'
NAP non-polymer 'NADP NICOTINAMIDE-ADENINE-DINUCLEOTIDE PHOSPHATE' 'C21 H28 N7 O17 P3'
#
# COMPACT_ATOMS: atom_id res chain seq x y z
N MET A 1 0.67 -19.02 11.28
CA MET A 1 0.61 -17.88 10.37
C MET A 1 1.04 -18.30 8.96
N ALA A 2 0.06 -18.52 8.09
CA ALA A 2 0.33 -18.82 6.69
C ALA A 2 0.96 -17.60 6.02
N SER A 3 1.77 -17.83 4.99
CA SER A 3 2.51 -16.74 4.37
C SER A 3 1.70 -15.91 3.38
N ARG A 4 0.60 -16.47 2.86
N ARG A 4 0.62 -16.47 2.85
CA ARG A 4 -0.20 -15.79 1.84
CA ARG A 4 -0.20 -15.74 1.90
C ARG A 4 -1.70 -15.81 2.15
C ARG A 4 -1.66 -15.67 2.34
N ILE A 5 -2.39 -14.75 1.73
CA ILE A 5 -3.82 -14.60 1.96
C ILE A 5 -4.54 -14.70 0.61
N LEU A 6 -5.67 -15.38 0.59
CA LEU A 6 -6.44 -15.58 -0.62
C LEU A 6 -7.26 -14.35 -0.97
N LEU A 7 -7.08 -13.84 -2.18
CA LEU A 7 -7.84 -12.70 -2.68
C LEU A 7 -9.10 -13.16 -3.40
N ASN A 8 -10.03 -12.22 -3.57
CA ASN A 8 -11.29 -12.52 -4.23
C ASN A 8 -11.20 -12.66 -5.75
N ASN A 9 -9.98 -12.60 -6.29
CA ASN A 9 -9.75 -13.00 -7.69
C ASN A 9 -9.19 -14.41 -7.81
N GLY A 10 -9.04 -15.09 -6.68
CA GLY A 10 -8.51 -16.45 -6.66
C GLY A 10 -7.01 -16.58 -6.50
N ALA A 11 -6.29 -15.46 -6.48
CA ALA A 11 -4.85 -15.49 -6.33
C ALA A 11 -4.46 -15.31 -4.86
N LYS A 12 -3.25 -15.74 -4.52
CA LYS A 12 -2.73 -15.62 -3.16
C LYS A 12 -1.69 -14.52 -3.08
N MET A 13 -1.81 -13.69 -2.04
CA MET A 13 -0.96 -12.51 -1.84
C MET A 13 -0.10 -12.67 -0.60
N PRO A 14 1.22 -12.53 -0.73
CA PRO A 14 2.07 -12.61 0.47
C PRO A 14 1.74 -11.53 1.49
N ILE A 15 1.59 -11.94 2.75
CA ILE A 15 1.17 -11.01 3.80
C ILE A 15 2.25 -10.04 4.21
N LEU A 16 3.50 -10.32 3.85
CA LEU A 16 4.58 -9.39 4.10
C LEU A 16 5.18 -8.95 2.76
N GLY A 17 5.27 -7.65 2.57
CA GLY A 17 5.92 -7.10 1.40
C GLY A 17 6.89 -5.98 1.75
N LEU A 18 7.71 -5.60 0.79
CA LEU A 18 8.67 -4.52 0.94
C LEU A 18 8.10 -3.22 0.39
N GLY A 19 8.04 -2.19 1.22
CA GLY A 19 7.68 -0.85 0.77
C GLY A 19 8.82 -0.15 0.09
N THR A 20 8.50 0.78 -0.83
CA THR A 20 9.51 1.47 -1.61
C THR A 20 9.34 3.00 -1.69
N TRP A 21 8.35 3.56 -1.00
CA TRP A 21 8.24 5.03 -0.96
C TRP A 21 9.41 5.59 -0.15
N LYS A 22 10.13 6.54 -0.76
CA LYS A 22 11.30 7.23 -0.19
C LYS A 22 12.60 6.44 -0.34
N SER A 23 12.53 5.22 -0.88
CA SER A 23 13.74 4.47 -1.11
C SER A 23 14.53 5.15 -2.22
N PRO A 24 15.75 5.64 -1.92
CA PRO A 24 16.46 6.44 -2.93
C PRO A 24 16.77 5.59 -4.15
N PRO A 25 16.72 6.22 -5.34
CA PRO A 25 16.92 5.44 -6.57
C PRO A 25 18.29 4.77 -6.64
N GLY A 26 19.29 5.33 -5.96
CA GLY A 26 20.62 4.74 -5.94
C GLY A 26 20.79 3.64 -4.90
N GLN A 27 19.76 3.39 -4.11
CA GLN A 27 19.81 2.36 -3.08
C GLN A 27 18.74 1.29 -3.23
N VAL A 28 17.66 1.59 -3.96
CA VAL A 28 16.51 0.70 -3.97
C VAL A 28 16.77 -0.60 -4.74
N THR A 29 17.63 -0.56 -5.74
CA THR A 29 17.94 -1.78 -6.49
C THR A 29 18.55 -2.82 -5.56
N GLU A 30 19.58 -2.42 -4.80
CA GLU A 30 20.17 -3.37 -3.87
C GLU A 30 19.18 -3.77 -2.76
N ALA A 31 18.35 -2.84 -2.32
CA ALA A 31 17.36 -3.15 -1.28
C ALA A 31 16.42 -4.27 -1.73
N VAL A 32 15.92 -4.16 -2.95
CA VAL A 32 14.99 -5.15 -3.46
C VAL A 32 15.71 -6.49 -3.72
N LYS A 33 16.95 -6.43 -4.19
CA LYS A 33 17.75 -7.66 -4.37
C LYS A 33 17.92 -8.39 -3.05
N VAL A 34 18.31 -7.66 -2.01
CA VAL A 34 18.47 -8.23 -0.68
C VAL A 34 17.14 -8.80 -0.17
N ALA A 35 16.07 -8.03 -0.33
CA ALA A 35 14.75 -8.49 0.10
C ALA A 35 14.39 -9.83 -0.53
N ILE A 36 14.55 -9.95 -1.84
CA ILE A 36 14.22 -11.20 -2.50
C ILE A 36 15.14 -12.33 -2.01
N ASP A 37 16.42 -12.02 -1.84
CA ASP A 37 17.35 -13.04 -1.34
C ASP A 37 16.95 -13.58 0.04
N VAL A 38 16.39 -12.74 0.89
CA VAL A 38 16.07 -13.17 2.25
C VAL A 38 14.63 -13.63 2.43
N GLY A 39 13.86 -13.64 1.34
CA GLY A 39 12.56 -14.27 1.36
C GLY A 39 11.37 -13.44 0.93
N TYR A 40 11.52 -12.14 0.77
CA TYR A 40 10.38 -11.35 0.33
C TYR A 40 9.94 -11.76 -1.05
N ARG A 41 8.62 -11.83 -1.24
CA ARG A 41 8.05 -12.19 -2.53
C ARG A 41 6.99 -11.20 -2.98
N HIS A 42 6.88 -10.07 -2.29
CA HIS A 42 5.88 -9.04 -2.55
C HIS A 42 6.60 -7.70 -2.42
N ILE A 43 6.50 -6.89 -3.46
CA ILE A 43 7.08 -5.54 -3.46
C ILE A 43 5.95 -4.55 -3.74
N ASP A 44 5.83 -3.51 -2.89
CA ASP A 44 4.85 -2.46 -3.08
C ASP A 44 5.51 -1.25 -3.74
N CYS A 45 4.98 -0.86 -4.89
CA CYS A 45 5.55 0.17 -5.76
C CYS A 45 4.51 1.24 -6.06
N ALA A 46 4.97 2.34 -6.67
CA ALA A 46 4.05 3.32 -7.24
C ALA A 46 4.79 4.21 -8.21
N HIS A 47 4.12 4.60 -9.30
CA HIS A 47 4.69 5.55 -10.24
C HIS A 47 5.13 6.84 -9.55
N VAL A 48 4.32 7.34 -8.61
CA VAL A 48 4.62 8.61 -7.96
C VAL A 48 5.88 8.55 -7.09
N TYR A 49 6.35 7.35 -6.75
CA TYR A 49 7.55 7.21 -5.92
C TYR A 49 8.83 7.50 -6.71
N GLN A 50 8.74 7.59 -8.04
CA GLN A 50 9.85 8.01 -8.91
C GLN A 50 11.04 7.06 -8.88
N ASN A 51 10.80 5.79 -8.56
CA ASN A 51 11.89 4.83 -8.49
C ASN A 51 11.52 3.47 -9.06
N GLU A 52 10.43 3.41 -9.84
CA GLU A 52 10.02 2.11 -10.39
C GLU A 52 11.07 1.51 -11.34
N ASN A 53 11.77 2.34 -12.11
CA ASN A 53 12.80 1.78 -12.98
C ASN A 53 13.84 1.01 -12.17
N GLU A 54 14.29 1.61 -11.08
CA GLU A 54 15.32 1.03 -10.24
C GLU A 54 14.82 -0.20 -9.47
N VAL A 55 13.57 -0.17 -9.01
CA VAL A 55 12.96 -1.37 -8.45
C VAL A 55 12.96 -2.49 -9.48
N GLY A 56 12.58 -2.13 -10.71
CA GLY A 56 12.50 -3.10 -11.79
C GLY A 56 13.83 -3.75 -12.12
N VAL A 57 14.92 -2.99 -12.05
CA VAL A 57 16.24 -3.56 -12.29
C VAL A 57 16.50 -4.75 -11.35
N ALA A 58 16.15 -4.58 -10.08
CA ALA A 58 16.31 -5.62 -9.08
C ALA A 58 15.44 -6.84 -9.38
N ILE A 59 14.17 -6.61 -9.66
CA ILE A 59 13.26 -7.71 -9.96
C ILE A 59 13.78 -8.51 -11.16
N GLN A 60 14.14 -7.80 -12.21
CA GLN A 60 14.60 -8.45 -13.43
C GLN A 60 15.87 -9.25 -13.20
N GLU A 61 16.80 -8.69 -12.42
CA GLU A 61 18.03 -9.41 -12.14
C GLU A 61 17.78 -10.70 -11.37
N LYS A 62 16.87 -10.67 -10.39
CA LYS A 62 16.58 -11.88 -9.63
C LYS A 62 15.82 -12.90 -10.47
N LEU A 63 14.99 -12.44 -11.39
CA LEU A 63 14.36 -13.35 -12.35
C LEU A 63 15.41 -13.97 -13.29
N ARG A 64 16.30 -13.14 -13.81
CA ARG A 64 17.36 -13.62 -14.71
C ARG A 64 18.31 -14.59 -14.00
N GLU A 65 18.62 -14.30 -12.73
CA GLU A 65 19.45 -15.18 -11.90
C GLU A 65 18.73 -16.48 -11.53
N GLN A 66 17.42 -16.52 -11.76
CA GLN A 66 16.58 -17.65 -11.37
C GLN A 66 16.61 -17.92 -9.86
N VAL A 67 16.67 -16.82 -9.10
CA VAL A 67 16.48 -16.87 -7.66
C VAL A 67 15.02 -17.16 -7.33
N VAL A 68 14.15 -16.62 -8.18
N VAL A 68 14.13 -16.66 -8.19
CA VAL A 68 12.70 -16.79 -8.06
CA VAL A 68 12.69 -16.79 -8.00
C VAL A 68 12.12 -16.90 -9.45
C VAL A 68 12.04 -16.75 -9.39
N LYS A 69 10.89 -17.43 -9.53
CA LYS A 69 10.12 -17.40 -10.78
C LYS A 69 9.12 -16.26 -10.72
N ARG A 70 8.75 -15.73 -11.88
CA ARG A 70 7.80 -14.63 -11.92
C ARG A 70 6.48 -14.97 -11.21
N GLU A 71 6.03 -16.22 -11.37
CA GLU A 71 4.78 -16.62 -10.75
C GLU A 71 4.80 -16.57 -9.22
N GLU A 72 6.00 -16.62 -8.64
CA GLU A 72 6.16 -16.60 -7.19
C GLU A 72 6.27 -15.18 -6.62
N LEU A 73 6.43 -14.19 -7.49
CA LEU A 73 6.46 -12.80 -7.06
C LEU A 73 5.07 -12.19 -7.13
N PHE A 74 4.85 -11.23 -6.24
CA PHE A 74 3.60 -10.49 -6.18
C PHE A 74 3.94 -9.01 -6.22
N ILE A 75 3.84 -8.41 -7.39
CA ILE A 75 4.25 -7.03 -7.58
C ILE A 75 3.02 -6.13 -7.68
N VAL A 76 3.02 -5.09 -6.85
CA VAL A 76 1.91 -4.16 -6.73
C VAL A 76 2.36 -2.77 -7.19
N SER A 77 1.55 -2.10 -7.99
CA SER A 77 1.75 -0.69 -8.23
C SER A 77 0.42 0.04 -8.18
N LYS A 78 0.46 1.35 -8.47
CA LYS A 78 -0.66 2.23 -8.22
C LYS A 78 -0.74 3.30 -9.28
N LEU A 79 -1.98 3.58 -9.70
CA LEU A 79 -2.33 4.60 -10.67
C LEU A 79 -2.32 5.95 -9.98
N TRP A 80 -1.47 6.87 -10.44
CA TRP A 80 -1.42 8.18 -9.80
C TRP A 80 -2.64 9.06 -10.15
N CYS A 81 -2.90 10.04 -9.29
CA CYS A 81 -4.09 10.87 -9.37
C CYS A 81 -4.27 11.66 -10.67
N THR A 82 -3.17 11.99 -11.34
CA THR A 82 -3.22 12.76 -12.59
C THR A 82 -3.53 11.86 -13.79
N TYR A 83 -3.77 10.57 -13.55
CA TYR A 83 -4.05 9.63 -14.63
C TYR A 83 -5.43 8.96 -14.48
N HIS A 84 -6.33 9.59 -13.73
CA HIS A 84 -7.67 9.03 -13.56
C HIS A 84 -8.53 9.12 -14.82
N GLU A 85 -8.23 10.07 -15.71
CA GLU A 85 -8.96 10.20 -16.96
C GLU A 85 -8.96 8.89 -17.72
N LYS A 86 -10.12 8.52 -18.26
CA LYS A 86 -10.31 7.22 -18.93
C LYS A 86 -9.22 6.88 -19.95
N GLY A 87 -8.88 7.86 -20.80
CA GLY A 87 -7.95 7.63 -21.89
C GLY A 87 -6.48 7.61 -21.46
N LEU A 88 -6.22 7.81 -20.17
CA LEU A 88 -4.86 7.84 -19.67
C LEU A 88 -4.49 6.62 -18.83
N VAL A 89 -5.49 5.86 -18.39
CA VAL A 89 -5.25 4.77 -17.44
C VAL A 89 -4.36 3.67 -18.01
N LYS A 90 -4.66 3.23 -19.22
CA LYS A 90 -3.87 2.14 -19.81
C LYS A 90 -2.41 2.55 -19.99
N GLY A 91 -2.18 3.76 -20.53
CA GLY A 91 -0.82 4.23 -20.72
C GLY A 91 -0.05 4.35 -19.42
N ALA A 92 -0.73 4.78 -18.36
CA ALA A 92 -0.09 4.87 -17.05
C ALA A 92 0.31 3.48 -16.55
N CYS A 93 -0.58 2.51 -16.73
CA CYS A 93 -0.26 1.14 -16.34
C CYS A 93 0.92 0.62 -17.16
N GLN A 94 0.90 0.85 -18.47
CA GLN A 94 1.96 0.36 -19.33
C GLN A 94 3.32 1.00 -19.03
N LYS A 95 3.32 2.28 -18.65
CA LYS A 95 4.56 2.94 -18.25
C LYS A 95 5.14 2.28 -16.99
N THR A 96 4.27 2.01 -16.02
CA THR A 96 4.67 1.28 -14.83
C THR A 96 5.22 -0.12 -15.17
N LEU A 97 4.53 -0.84 -16.06
CA LEU A 97 5.00 -2.15 -16.49
C LEU A 97 6.37 -2.06 -17.14
N SER A 98 6.55 -1.06 -18.00
CA SER A 98 7.83 -0.88 -18.68
C SER A 98 8.95 -0.58 -17.69
N ASP A 99 8.69 0.32 -16.75
CA ASP A 99 9.69 0.66 -15.74
C ASP A 99 10.03 -0.54 -14.84
N LEU A 100 9.01 -1.30 -14.44
CA LEU A 100 9.23 -2.46 -13.57
C LEU A 100 9.76 -3.67 -14.32
N LYS A 101 9.79 -3.59 -15.64
CA LYS A 101 10.21 -4.68 -16.52
C LYS A 101 9.37 -5.94 -16.35
N LEU A 102 8.07 -5.70 -16.33
CA LEU A 102 7.10 -6.76 -16.19
C LEU A 102 6.14 -6.76 -17.36
N ASP A 103 5.55 -7.92 -17.61
CA ASP A 103 4.47 -7.99 -18.58
C ASP A 103 3.07 -7.98 -17.94
N TYR A 104 2.99 -8.15 -16.62
CA TYR A 104 1.75 -7.96 -15.90
C TYR A 104 2.08 -7.56 -14.47
N LEU A 105 1.12 -6.90 -13.82
CA LEU A 105 1.17 -6.66 -12.39
C LEU A 105 0.27 -7.65 -11.67
N ASP A 106 0.66 -8.08 -10.48
CA ASP A 106 -0.24 -8.89 -9.67
C ASP A 106 -1.40 -8.10 -9.12
N LEU A 107 -1.18 -6.82 -8.84
CA LEU A 107 -2.21 -5.97 -8.28
C LEU A 107 -1.93 -4.53 -8.68
N TYR A 108 -2.97 -3.84 -9.16
CA TYR A 108 -2.85 -2.43 -9.52
C TYR A 108 -3.95 -1.68 -8.77
N LEU A 109 -3.55 -0.64 -8.05
CA LEU A 109 -4.46 0.10 -7.17
C LEU A 109 -4.72 1.51 -7.67
N ILE A 110 -5.95 1.99 -7.50
CA ILE A 110 -6.17 3.43 -7.55
C ILE A 110 -5.51 4.02 -6.31
N HIS A 111 -4.48 4.84 -6.49
CA HIS A 111 -3.60 5.23 -5.39
C HIS A 111 -4.35 6.07 -4.34
N TRP A 112 -5.15 7.02 -4.81
CA TRP A 112 -6.00 7.87 -3.99
C TRP A 112 -7.33 8.06 -4.73
N PRO A 113 -8.43 8.28 -4.00
CA PRO A 113 -9.73 8.41 -4.68
C PRO A 113 -9.93 9.74 -5.42
N THR A 114 -8.95 10.62 -5.34
CA THR A 114 -9.02 11.96 -5.90
C THR A 114 -8.32 12.07 -7.26
N GLY A 115 -9.06 12.46 -8.30
CA GLY A 115 -8.45 12.73 -9.59
C GLY A 115 -7.93 14.16 -9.66
N PHE A 116 -6.73 14.33 -10.21
CA PHE A 116 -6.12 15.65 -10.40
C PHE A 116 -5.98 15.94 -11.90
N LYS A 117 -5.85 17.21 -12.24
CA LYS A 117 -5.60 17.62 -13.62
C LYS A 117 -4.40 16.90 -14.23
N PRO A 118 -4.55 16.34 -15.44
N PRO A 118 -4.57 16.27 -15.41
CA PRO A 118 -3.45 15.61 -16.08
CA PRO A 118 -3.42 15.59 -16.02
C PRO A 118 -2.32 16.53 -16.51
C PRO A 118 -2.31 16.54 -16.41
N GLY A 119 -1.10 16.00 -16.51
CA GLY A 119 0.07 16.77 -16.85
C GLY A 119 1.29 16.14 -16.24
N LYS A 120 2.44 16.79 -16.40
CA LYS A 120 3.70 16.26 -15.89
C LYS A 120 3.81 16.38 -14.37
N GLU A 121 3.08 17.32 -13.79
CA GLU A 121 3.14 17.58 -12.35
C GLU A 121 2.24 16.64 -11.57
N PHE A 122 2.80 15.97 -10.58
CA PHE A 122 2.02 15.05 -9.76
C PHE A 122 0.96 15.77 -8.92
N PHE A 123 1.25 17.00 -8.50
CA PHE A 123 0.34 17.80 -7.67
C PHE A 123 0.14 19.16 -8.35
N PRO A 124 -0.70 19.20 -9.39
CA PRO A 124 -0.94 20.49 -10.06
C PRO A 124 -1.67 21.41 -9.10
N LEU A 125 -1.15 22.62 -8.90
CA LEU A 125 -1.77 23.56 -7.97
C LEU A 125 -2.24 24.81 -8.68
N ASP A 126 -3.28 25.45 -8.14
CA ASP A 126 -3.62 26.79 -8.59
C ASP A 126 -2.69 27.79 -7.91
N GLU A 127 -2.88 29.08 -8.19
CA GLU A 127 -1.97 30.09 -7.67
C GLU A 127 -2.04 30.26 -6.15
N SER A 128 -3.05 29.66 -5.52
CA SER A 128 -3.22 29.74 -4.06
C SER A 128 -2.88 28.44 -3.33
N GLY A 129 -2.32 27.48 -4.05
CA GLY A 129 -1.84 26.25 -3.44
C GLY A 129 -2.84 25.12 -3.30
N ASN A 130 -4.03 25.29 -3.85
CA ASN A 130 -5.02 24.22 -3.85
C ASN A 130 -4.74 23.28 -5.01
N VAL A 131 -4.89 21.99 -4.78
CA VAL A 131 -4.73 21.04 -5.87
C VAL A 131 -5.83 21.30 -6.90
N VAL A 132 -5.49 21.13 -8.18
CA VAL A 132 -6.46 21.31 -9.24
C VAL A 132 -7.09 19.97 -9.57
N PRO A 133 -8.40 19.81 -9.31
CA PRO A 133 -9.02 18.51 -9.55
C PRO A 133 -9.24 18.23 -11.02
N SER A 134 -9.47 16.96 -11.33
N SER A 134 -9.49 16.95 -11.30
CA SER A 134 -10.06 16.61 -12.61
CA SER A 134 -10.06 16.51 -12.56
C SER A 134 -11.54 16.27 -12.38
C SER A 134 -11.56 16.31 -12.36
N ASP A 135 -12.34 16.38 -13.42
CA ASP A 135 -13.77 16.12 -13.32
C ASP A 135 -14.15 14.64 -13.36
N THR A 136 -13.17 13.77 -13.17
CA THR A 136 -13.40 12.33 -13.15
C THR A 136 -14.02 11.86 -11.84
N ASN A 137 -14.67 10.71 -11.87
CA ASN A 137 -15.24 10.15 -10.67
C ASN A 137 -14.73 8.74 -10.46
N ILE A 138 -14.82 8.26 -9.24
CA ILE A 138 -14.21 6.97 -8.93
C ILE A 138 -14.85 5.81 -9.71
N LEU A 139 -16.11 5.96 -10.11
CA LEU A 139 -16.77 4.84 -10.80
C LEU A 139 -16.26 4.65 -12.23
N ASP A 140 -16.07 5.74 -12.95
CA ASP A 140 -15.53 5.64 -14.30
C ASP A 140 -14.05 5.22 -14.28
N THR A 141 -13.31 5.72 -13.30
CA THR A 141 -11.93 5.30 -13.15
C THR A 141 -11.88 3.79 -12.86
N TRP A 142 -12.82 3.31 -12.05
CA TRP A 142 -12.89 1.88 -11.76
C TRP A 142 -13.13 1.06 -13.03
N ALA A 143 -14.04 1.51 -13.88
CA ALA A 143 -14.29 0.81 -15.14
C ALA A 143 -13.02 0.73 -15.98
N ALA A 144 -12.22 1.80 -15.96
CA ALA A 144 -10.96 1.80 -16.69
C ALA A 144 -9.98 0.77 -16.10
N MET A 145 -9.97 0.64 -14.77
CA MET A 145 -9.16 -0.40 -14.12
C MET A 145 -9.63 -1.80 -14.52
N GLU A 146 -10.94 -2.00 -14.60
CA GLU A 146 -11.47 -3.30 -15.02
C GLU A 146 -10.98 -3.69 -16.41
N GLU A 147 -10.85 -2.71 -17.30
CA GLU A 147 -10.33 -2.98 -18.64
C GLU A 147 -8.91 -3.55 -18.61
N LEU A 148 -8.11 -3.13 -17.62
CA LEU A 148 -6.75 -3.65 -17.51
C LEU A 148 -6.73 -5.14 -17.20
N VAL A 149 -7.64 -5.59 -16.35
CA VAL A 149 -7.80 -7.02 -16.10
C VAL A 149 -8.17 -7.73 -17.40
N ASP A 150 -9.10 -7.14 -18.14
CA ASP A 150 -9.60 -7.76 -19.36
C ASP A 150 -8.62 -7.72 -20.54
N GLU A 151 -7.53 -6.97 -20.42
CA GLU A 151 -6.49 -6.99 -21.44
C GLU A 151 -5.24 -7.76 -20.95
N GLY A 152 -5.31 -8.33 -19.77
CA GLY A 152 -4.22 -9.15 -19.28
C GLY A 152 -3.03 -8.38 -18.72
N LEU A 153 -3.17 -7.07 -18.53
CA LEU A 153 -2.08 -6.26 -18.00
C LEU A 153 -1.92 -6.40 -16.49
N VAL A 154 -3.02 -6.72 -15.80
CA VAL A 154 -2.99 -6.88 -14.35
C VAL A 154 -3.85 -8.07 -13.97
N LYS A 155 -3.45 -8.78 -12.90
CA LYS A 155 -4.20 -9.96 -12.44
C LYS A 155 -5.31 -9.58 -11.47
N ALA A 156 -5.12 -8.47 -10.76
CA ALA A 156 -6.08 -7.99 -9.78
C ALA A 156 -6.05 -6.48 -9.76
N ILE A 157 -7.19 -5.89 -9.40
CA ILE A 157 -7.29 -4.45 -9.19
C ILE A 157 -7.84 -4.16 -7.81
N GLY A 158 -7.47 -2.99 -7.29
CA GLY A 158 -7.92 -2.56 -5.99
C GLY A 158 -7.83 -1.06 -5.82
N ILE A 159 -7.95 -0.64 -4.58
CA ILE A 159 -8.09 0.75 -4.22
C ILE A 159 -7.18 1.05 -3.03
N SER A 160 -6.95 2.33 -2.77
CA SER A 160 -6.08 2.73 -1.68
C SER A 160 -6.57 4.08 -1.15
N ASN A 161 -6.59 4.20 0.18
CA ASN A 161 -7.05 5.43 0.83
C ASN A 161 -8.52 5.72 0.52
N PHE A 162 -9.31 4.68 0.29
CA PHE A 162 -10.76 4.86 0.12
C PHE A 162 -11.43 4.69 1.48
N ASN A 163 -12.31 5.62 1.81
CA ASN A 163 -13.10 5.49 3.03
C ASN A 163 -14.26 4.51 2.80
N HIS A 164 -15.00 4.15 3.85
CA HIS A 164 -15.98 3.09 3.64
C HIS A 164 -17.11 3.47 2.70
N LEU A 165 -17.48 4.75 2.66
CA LEU A 165 -18.50 5.19 1.71
C LEU A 165 -17.99 5.09 0.28
N GLN A 166 -16.70 5.36 0.09
CA GLN A 166 -16.09 5.26 -1.24
C GLN A 166 -15.94 3.80 -1.68
N VAL A 167 -15.60 2.92 -0.74
CA VAL A 167 -15.58 1.49 -1.02
C VAL A 167 -17.01 1.05 -1.40
N GLU A 168 -17.98 1.51 -0.61
CA GLU A 168 -19.37 1.19 -0.87
C GLU A 168 -19.84 1.67 -2.24
N MET A 169 -19.37 2.85 -2.65
CA MET A 169 -19.71 3.38 -3.97
C MET A 169 -19.28 2.43 -5.09
N ILE A 170 -18.06 1.90 -4.97
N ILE A 170 -18.07 1.89 -4.98
CA ILE A 170 -17.55 0.93 -5.92
CA ILE A 170 -17.62 0.93 -5.99
C ILE A 170 -18.39 -0.35 -5.88
C ILE A 170 -18.40 -0.37 -5.89
N LEU A 171 -18.61 -0.87 -4.68
CA LEU A 171 -19.36 -2.11 -4.51
C LEU A 171 -20.79 -1.98 -5.05
N ASN A 172 -21.33 -0.76 -5.02
CA ASN A 172 -22.67 -0.49 -5.53
C ASN A 172 -22.66 0.09 -6.96
N LYS A 173 -21.51 0.10 -7.62
CA LYS A 173 -21.40 0.66 -8.97
C LYS A 173 -22.33 -0.07 -9.94
N PRO A 174 -23.15 0.67 -10.69
CA PRO A 174 -23.95 0.01 -11.72
C PRO A 174 -23.05 -0.73 -12.71
N GLY A 175 -23.34 -2.02 -12.91
CA GLY A 175 -22.58 -2.80 -13.87
C GLY A 175 -21.19 -3.20 -13.40
N LEU A 176 -20.94 -3.13 -12.10
CA LEU A 176 -19.65 -3.56 -11.53
C LEU A 176 -19.24 -4.93 -12.07
N LYS A 177 -18.01 -5.00 -12.61
CA LYS A 177 -17.52 -6.25 -13.18
C LYS A 177 -16.57 -7.01 -12.25
N TYR A 178 -15.62 -6.29 -11.66
CA TYR A 178 -14.71 -6.90 -10.69
C TYR A 178 -14.73 -6.09 -9.41
N LYS A 179 -14.94 -6.77 -8.29
CA LYS A 179 -14.82 -6.12 -6.99
C LYS A 179 -13.36 -5.77 -6.73
N PRO A 180 -13.11 -4.69 -5.98
N PRO A 180 -13.11 -4.71 -5.94
CA PRO A 180 -11.75 -4.47 -5.51
CA PRO A 180 -11.73 -4.44 -5.54
C PRO A 180 -11.23 -5.67 -4.73
C PRO A 180 -11.18 -5.58 -4.66
N ALA A 181 -9.98 -6.05 -4.99
CA ALA A 181 -9.37 -7.17 -4.28
C ALA A 181 -8.79 -6.73 -2.94
N VAL A 182 -8.33 -5.48 -2.90
CA VAL A 182 -7.57 -4.92 -1.79
C VAL A 182 -7.96 -3.47 -1.60
N ASN A 183 -7.99 -3.02 -0.34
CA ASN A 183 -7.93 -1.60 0.00
C ASN A 183 -6.67 -1.40 0.85
N GLN A 184 -5.73 -0.62 0.33
CA GLN A 184 -4.47 -0.35 1.03
C GLN A 184 -4.61 0.97 1.77
N ILE A 185 -4.48 0.93 3.10
CA ILE A 185 -4.73 2.07 3.96
C ILE A 185 -3.65 2.17 5.02
N GLU A 186 -3.48 3.37 5.56
CA GLU A 186 -2.58 3.57 6.66
C GLU A 186 -3.09 2.82 7.89
N CYS A 187 -2.22 2.11 8.59
CA CYS A 187 -2.68 1.39 9.77
C CYS A 187 -1.51 1.02 10.67
N HIS A 188 -1.63 1.36 11.94
CA HIS A 188 -0.60 1.12 12.95
C HIS A 188 -1.26 1.38 14.32
N PRO A 189 -0.53 1.19 15.43
CA PRO A 189 -1.20 1.36 16.73
C PRO A 189 -1.74 2.76 17.01
N TYR A 190 -1.32 3.79 16.27
CA TYR A 190 -1.89 5.12 16.47
C TYR A 190 -3.04 5.42 15.50
N LEU A 191 -3.33 4.49 14.59
CA LEU A 191 -4.42 4.63 13.62
C LEU A 191 -4.90 3.21 13.32
N THR A 192 -5.74 2.69 14.22
CA THR A 192 -6.00 1.26 14.27
C THR A 192 -7.08 0.76 13.30
N GLN A 193 -7.97 1.66 12.87
CA GLN A 193 -8.85 1.38 11.73
C GLN A 193 -9.87 0.25 11.94
N GLU A 194 -10.34 0.04 13.16
CA GLU A 194 -11.25 -1.08 13.43
C GLU A 194 -12.47 -1.10 12.50
N LYS A 195 -13.10 0.05 12.31
CA LYS A 195 -14.33 0.10 11.53
C LYS A 195 -14.10 -0.19 10.05
N LEU A 196 -13.09 0.47 9.48
CA LEU A 196 -12.85 0.31 8.05
C LEU A 196 -12.35 -1.10 7.73
N ILE A 197 -11.50 -1.65 8.60
CA ILE A 197 -11.01 -3.01 8.41
C ILE A 197 -12.14 -4.02 8.46
N GLN A 198 -12.98 -3.96 9.49
CA GLN A 198 -14.07 -4.93 9.60
C GLN A 198 -15.00 -4.83 8.39
N TYR A 199 -15.27 -3.60 7.96
CA TYR A 199 -16.13 -3.42 6.79
C TYR A 199 -15.54 -4.07 5.56
N CYS A 200 -14.29 -3.76 5.25
CA CYS A 200 -13.64 -4.33 4.09
C CYS A 200 -13.59 -5.85 4.17
N GLN A 201 -13.16 -6.39 5.31
CA GLN A 201 -13.06 -7.83 5.46
C GLN A 201 -14.43 -8.52 5.32
N SER A 202 -15.48 -7.85 5.79
CA SER A 202 -16.82 -8.41 5.71
C SER A 202 -17.29 -8.53 4.26
N LYS A 203 -16.67 -7.76 3.37
CA LYS A 203 -17.02 -7.75 1.96
C LYS A 203 -16.03 -8.57 1.14
N GLY A 204 -15.09 -9.23 1.81
CA GLY A 204 -14.12 -10.05 1.13
C GLY A 204 -12.98 -9.28 0.50
N ILE A 205 -12.80 -8.03 0.91
CA ILE A 205 -11.71 -7.17 0.45
C ILE A 205 -10.56 -7.29 1.45
N VAL A 206 -9.37 -7.65 0.97
CA VAL A 206 -8.20 -7.74 1.83
C VAL A 206 -7.63 -6.35 2.09
N VAL A 207 -7.26 -6.11 3.34
CA VAL A 207 -6.68 -4.83 3.69
C VAL A 207 -5.15 -4.94 3.82
N THR A 208 -4.45 -4.01 3.17
CA THR A 208 -3.01 -3.84 3.35
C THR A 208 -2.74 -2.61 4.21
N ALA A 209 -1.92 -2.80 5.26
CA ALA A 209 -1.52 -1.73 6.17
C ALA A 209 -0.22 -1.09 5.69
N TYR A 210 -0.29 0.21 5.39
CA TYR A 210 0.90 0.98 5.09
C TYR A 210 1.38 1.84 6.26
N SER A 211 2.61 2.32 6.15
CA SER A 211 3.31 3.03 7.23
C SER A 211 3.18 2.31 8.58
N PRO A 212 3.46 0.99 8.61
CA PRO A 212 3.26 0.24 9.87
C PRO A 212 4.21 0.66 10.99
N LEU A 213 5.34 1.27 10.64
CA LEU A 213 6.30 1.75 11.63
C LEU A 213 6.12 3.23 11.93
N GLY A 214 5.09 3.83 11.36
CA GLY A 214 4.87 5.26 11.53
C GLY A 214 5.70 6.14 10.62
N SER A 215 6.29 5.57 9.57
CA SER A 215 7.00 6.35 8.55
C SER A 215 7.98 7.39 9.14
N PRO A 216 8.98 6.95 9.93
CA PRO A 216 9.87 7.95 10.53
C PRO A 216 10.66 8.78 9.52
N ASP A 217 10.77 8.36 8.27
CA ASP A 217 11.45 9.16 7.25
C ASP A 217 10.52 10.03 6.40
N ARG A 218 9.24 10.09 6.75
CA ARG A 218 8.31 10.98 6.03
C ARG A 218 8.87 12.40 6.01
N PRO A 219 8.76 13.09 4.86
CA PRO A 219 9.48 14.36 4.76
C PRO A 219 8.84 15.52 5.54
N TRP A 220 7.61 15.34 6.01
CA TRP A 220 6.88 16.39 6.71
C TRP A 220 6.80 16.15 8.22
N ALA A 221 7.64 15.26 8.73
CA ALA A 221 7.68 14.96 10.16
C ALA A 221 7.96 16.22 10.99
N LYS A 222 7.28 16.32 12.13
CA LYS A 222 7.49 17.43 13.07
C LYS A 222 7.91 16.87 14.42
N PRO A 223 8.66 17.66 15.21
CA PRO A 223 9.15 17.22 16.52
C PRO A 223 8.04 16.79 17.49
N GLU A 224 6.86 17.39 17.36
CA GLU A 224 5.76 17.12 18.30
C GLU A 224 4.95 15.87 17.96
N ASP A 225 5.20 15.28 16.80
CA ASP A 225 4.47 14.09 16.38
C ASP A 225 4.71 12.92 17.31
N PRO A 226 3.70 12.05 17.51
CA PRO A 226 3.96 10.85 18.29
C PRO A 226 4.92 9.94 17.53
N SER A 227 5.54 9.01 18.24
CA SER A 227 6.59 8.18 17.66
C SER A 227 6.47 6.71 18.08
N LEU A 228 5.96 5.87 17.20
CA LEU A 228 5.72 4.46 17.51
C LEU A 228 6.97 3.73 17.95
N LEU A 229 8.05 3.91 17.19
CA LEU A 229 9.27 3.17 17.45
C LEU A 229 9.89 3.53 18.80
N GLU A 230 9.51 4.68 19.34
CA GLU A 230 10.04 5.14 20.61
C GLU A 230 9.04 5.04 21.77
N ASP A 231 7.86 4.49 21.51
CA ASP A 231 6.82 4.38 22.52
C ASP A 231 7.23 3.33 23.54
N PRO A 232 7.43 3.74 24.80
CA PRO A 232 7.88 2.77 25.83
C PRO A 232 6.91 1.61 26.01
N ARG A 233 5.62 1.82 25.76
CA ARG A 233 4.63 0.77 25.94
C ARG A 233 4.81 -0.33 24.89
N ILE A 234 5.19 0.07 23.68
CA ILE A 234 5.39 -0.88 22.60
C ILE A 234 6.74 -1.56 22.74
N LYS A 235 7.73 -0.79 23.16
CA LYS A 235 9.05 -1.34 23.46
C LYS A 235 8.95 -2.42 24.53
N ALA A 236 8.07 -2.24 25.51
CA ALA A 236 7.89 -3.24 26.56
C ALA A 236 7.37 -4.58 26.03
N ILE A 237 6.41 -4.51 25.11
CA ILE A 237 5.88 -5.72 24.50
C ILE A 237 6.97 -6.43 23.69
N ALA A 238 7.74 -5.65 22.95
CA ALA A 238 8.88 -6.19 22.19
C ALA A 238 9.88 -6.90 23.12
N ALA A 239 10.22 -6.26 24.24
CA ALA A 239 11.17 -6.84 25.17
C ALA A 239 10.68 -8.19 25.71
N LYS A 240 9.38 -8.28 25.99
CA LYS A 240 8.78 -9.51 26.51
C LYS A 240 8.98 -10.67 25.54
N HIS A 241 8.92 -10.36 24.25
CA HIS A 241 9.04 -11.37 23.20
C HIS A 241 10.46 -11.53 22.66
N ASN A 242 11.41 -10.78 23.21
CA ASN A 242 12.78 -10.76 22.70
C ASN A 242 12.82 -10.45 21.20
N LYS A 243 12.02 -9.48 20.79
CA LYS A 243 11.97 -9.00 19.42
C LYS A 243 12.19 -7.49 19.44
N THR A 244 12.41 -6.89 18.27
CA THR A 244 12.52 -5.45 18.22
C THR A 244 11.13 -4.81 18.17
N THR A 245 11.09 -3.52 18.48
CA THR A 245 9.85 -2.78 18.38
C THR A 245 9.28 -2.84 16.95
N ALA A 246 10.15 -2.69 15.95
CA ALA A 246 9.73 -2.81 14.56
C ALA A 246 9.08 -4.17 14.28
N GLN A 247 9.68 -5.23 14.79
CA GLN A 247 9.12 -6.56 14.60
C GLN A 247 7.72 -6.71 15.21
N VAL A 248 7.50 -6.15 16.39
CA VAL A 248 6.17 -6.12 16.97
C VAL A 248 5.19 -5.34 16.09
N LEU A 249 5.64 -4.20 15.58
CA LEU A 249 4.79 -3.36 14.75
C LEU A 249 4.41 -4.03 13.42
N ILE A 250 5.26 -4.93 12.93
CA ILE A 250 4.98 -5.67 11.71
C ILE A 250 4.08 -6.88 12.00
N ARG A 251 4.34 -7.57 13.11
CA ARG A 251 3.54 -8.72 13.47
C ARG A 251 2.08 -8.35 13.81
N PHE A 252 1.90 -7.18 14.40
CA PHE A 252 0.58 -6.69 14.82
C PHE A 252 -0.47 -6.76 13.69
N PRO A 253 -0.24 -6.10 12.53
CA PRO A 253 -1.25 -6.21 11.47
C PRO A 253 -1.39 -7.64 10.93
N MET A 254 -0.32 -8.41 10.90
CA MET A 254 -0.40 -9.79 10.41
C MET A 254 -1.44 -10.58 11.20
N GLN A 255 -1.52 -10.35 12.51
CA GLN A 255 -2.47 -11.09 13.34
C GLN A 255 -3.90 -10.55 13.26
N ARG A 256 -4.11 -9.51 12.46
CA ARG A 256 -5.44 -9.00 12.20
C ARG A 256 -5.89 -9.40 10.79
N ASN A 257 -5.20 -10.36 10.20
CA ASN A 257 -5.46 -10.81 8.82
C ASN A 257 -5.22 -9.72 7.80
N LEU A 258 -4.26 -8.85 8.08
CA LEU A 258 -3.86 -7.81 7.14
C LEU A 258 -2.56 -8.20 6.46
N VAL A 259 -2.34 -7.59 5.30
CA VAL A 259 -1.05 -7.58 4.62
C VAL A 259 -0.30 -6.36 5.14
N VAL A 260 1.03 -6.43 5.24
CA VAL A 260 1.79 -5.31 5.78
C VAL A 260 3.05 -5.11 4.94
N ILE A 261 3.42 -3.85 4.72
CA ILE A 261 4.46 -3.49 3.77
C ILE A 261 5.52 -2.51 4.32
N PRO A 262 6.26 -2.93 5.36
CA PRO A 262 7.31 -2.05 5.89
C PRO A 262 8.36 -1.71 4.84
N LYS A 263 8.81 -0.46 4.84
CA LYS A 263 9.84 0.00 3.92
C LYS A 263 11.21 0.06 4.62
N SER A 264 12.24 -0.43 3.94
CA SER A 264 13.60 -0.17 4.36
C SER A 264 14.53 -0.28 3.16
N VAL A 265 15.60 0.51 3.20
CA VAL A 265 16.73 0.31 2.30
C VAL A 265 17.98 -0.16 3.04
N THR A 266 17.83 -0.51 4.32
CA THR A 266 18.96 -0.96 5.13
C THR A 266 18.95 -2.49 5.18
N PRO A 267 19.98 -3.14 4.61
CA PRO A 267 19.94 -4.60 4.53
C PRO A 267 19.64 -5.32 5.86
N GLU A 268 20.25 -4.87 6.96
CA GLU A 268 20.00 -5.52 8.24
C GLU A 268 18.54 -5.41 8.67
N ARG A 269 17.93 -4.25 8.40
CA ARG A 269 16.53 -4.04 8.75
C ARG A 269 15.59 -4.80 7.82
N ILE A 270 15.92 -4.87 6.53
CA ILE A 270 15.14 -5.65 5.59
C ILE A 270 15.03 -7.08 6.09
N ALA A 271 16.15 -7.65 6.53
CA ALA A 271 16.16 -9.00 7.08
C ALA A 271 15.39 -9.09 8.41
N GLU A 272 15.64 -8.15 9.32
CA GLU A 272 14.94 -8.10 10.61
C GLU A 272 13.44 -8.09 10.43
N ASN A 273 12.98 -7.26 9.49
CA ASN A 273 11.56 -7.07 9.28
C ASN A 273 10.86 -8.31 8.74
N PHE A 274 11.61 -9.22 8.12
CA PHE A 274 11.05 -10.45 7.59
C PHE A 274 10.98 -11.55 8.66
N LYS A 275 11.73 -11.39 9.73
CA LYS A 275 11.81 -12.41 10.78
C LYS A 275 10.70 -12.24 11.81
N VAL A 276 9.48 -12.42 11.34
CA VAL A 276 8.29 -12.14 12.12
C VAL A 276 7.29 -13.29 12.04
N PHE A 277 7.76 -14.45 11.56
CA PHE A 277 6.90 -15.63 11.43
C PHE A 277 7.22 -16.67 12.51
N ASP A 278 7.98 -16.28 13.53
CA ASP A 278 8.46 -17.22 14.54
C ASP A 278 8.04 -16.84 15.96
N PHE A 279 7.10 -15.90 16.08
CA PHE A 279 6.56 -15.53 17.38
C PHE A 279 5.11 -15.09 17.23
N GLU A 280 4.38 -15.08 18.35
CA GLU A 280 2.98 -14.66 18.34
C GLU A 280 2.68 -13.68 19.46
N LEU A 281 2.05 -12.56 19.10
CA LEU A 281 1.52 -11.65 20.11
C LEU A 281 0.27 -12.28 20.73
N SER A 282 0.11 -12.15 22.04
CA SER A 282 -1.08 -12.69 22.69
C SER A 282 -2.30 -11.84 22.33
N SER A 283 -3.49 -12.40 22.56
N SER A 283 -3.49 -12.38 22.57
CA SER A 283 -4.73 -11.66 22.39
CA SER A 283 -4.72 -11.61 22.36
C SER A 283 -4.68 -10.37 23.22
C SER A 283 -4.69 -10.36 23.22
N GLN A 284 -4.12 -10.48 24.42
CA GLN A 284 -3.97 -9.33 25.30
C GLN A 284 -3.00 -8.30 24.71
N ASP A 285 -1.87 -8.76 24.17
CA ASP A 285 -0.94 -7.86 23.45
C ASP A 285 -1.67 -7.14 22.33
N MET A 286 -2.46 -7.88 21.57
CA MET A 286 -3.18 -7.31 20.43
C MET A 286 -4.15 -6.21 20.87
N THR A 287 -4.96 -6.49 21.89
CA THR A 287 -5.92 -5.50 22.38
C THR A 287 -5.21 -4.31 23.02
N THR A 288 -4.09 -4.59 23.67
CA THR A 288 -3.29 -3.52 24.27
C THR A 288 -2.73 -2.59 23.17
N LEU A 289 -2.20 -3.17 22.10
CA LEU A 289 -1.73 -2.35 20.98
C LEU A 289 -2.88 -1.56 20.36
N LEU A 290 -4.05 -2.18 20.19
CA LEU A 290 -5.21 -1.48 19.67
C LEU A 290 -5.58 -0.28 20.53
N SER A 291 -5.35 -0.40 21.84
CA SER A 291 -5.77 0.63 22.78
C SER A 291 -4.99 1.94 22.61
N TYR A 292 -3.90 1.88 21.84
CA TYR A 292 -3.06 3.06 21.64
C TYR A 292 -3.54 3.97 20.52
N ASN A 293 -4.68 3.65 19.90
CA ASN A 293 -5.20 4.47 18.80
C ASN A 293 -5.29 5.94 19.17
N ARG A 294 -4.85 6.77 18.23
CA ARG A 294 -4.85 8.23 18.38
C ARG A 294 -5.53 8.91 17.20
N ASN A 295 -5.98 8.13 16.22
CA ASN A 295 -6.45 8.70 14.96
C ASN A 295 -5.42 9.64 14.33
N TRP A 296 -4.14 9.24 14.40
CA TRP A 296 -3.04 10.04 13.87
C TRP A 296 -2.56 9.51 12.52
N ARG A 297 -2.53 10.38 11.51
CA ARG A 297 -2.18 9.98 10.14
C ARG A 297 -0.85 10.55 9.65
N VAL A 298 0.01 9.67 9.15
CA VAL A 298 1.17 10.03 8.36
C VAL A 298 0.75 10.72 7.07
N CYS A 299 -0.26 10.16 6.40
CA CYS A 299 -0.64 10.60 5.07
C CYS A 299 -2.00 11.26 5.03
N ALA A 300 -2.00 12.59 4.91
CA ALA A 300 -3.22 13.39 4.81
C ALA A 300 -2.84 14.81 4.40
N LEU A 301 -2.60 15.01 3.11
CA LEU A 301 -2.02 16.26 2.59
C LEU A 301 -2.99 17.44 2.51
N LEU A 302 -2.62 18.54 3.19
CA LEU A 302 -3.48 19.71 3.34
C LEU A 302 -3.99 20.28 2.02
N SER A 303 -3.14 20.35 1.02
CA SER A 303 -3.49 20.97 -0.26
C SER A 303 -4.62 20.24 -0.98
N CYS A 304 -4.93 19.02 -0.54
CA CYS A 304 -5.95 18.19 -1.17
C CYS A 304 -7.28 18.14 -0.42
N THR A 305 -7.35 18.83 0.72
N THR A 305 -7.35 18.84 0.71
CA THR A 305 -8.50 18.72 1.62
CA THR A 305 -8.50 18.75 1.61
C THR A 305 -9.80 19.33 1.10
C THR A 305 -9.81 19.21 0.99
N SER A 306 -9.75 20.09 0.01
CA SER A 306 -10.96 20.63 -0.60
C SER A 306 -11.44 19.83 -1.81
N HIS A 307 -10.65 18.85 -2.24
CA HIS A 307 -11.07 18.00 -3.33
C HIS A 307 -12.35 17.29 -2.94
N LYS A 308 -13.31 17.19 -3.85
CA LYS A 308 -14.62 16.62 -3.54
C LYS A 308 -14.52 15.17 -3.05
N ASP A 309 -13.44 14.48 -3.43
CA ASP A 309 -13.29 13.08 -3.06
C ASP A 309 -12.23 12.86 -1.99
N TYR A 310 -11.84 13.93 -1.28
CA TYR A 310 -10.89 13.79 -0.18
C TYR A 310 -11.43 12.77 0.82
N PRO A 311 -10.60 11.77 1.20
CA PRO A 311 -11.20 10.61 1.88
C PRO A 311 -11.37 10.73 3.39
N PHE A 312 -10.72 11.68 4.04
CA PHE A 312 -10.60 11.60 5.50
C PHE A 312 -11.49 12.58 6.28
N HIS A 313 -12.51 13.13 5.65
CA HIS A 313 -13.54 13.91 6.35
C HIS A 313 -14.51 12.97 7.06
N GLU A 314 -14.86 11.87 6.39
CA GLU A 314 -15.72 10.85 6.96
C GLU A 314 -15.05 10.21 8.16
N GLU A 315 -15.85 9.75 9.13
CA GLU A 315 -15.34 9.04 10.29
C GLU A 315 -14.48 7.86 9.87
N PHE A 316 -14.98 7.09 8.90
CA PHE A 316 -14.22 5.97 8.36
C PHE A 316 -14.66 5.63 6.95
PA NAP B . 7.29 2.67 7.32
O1A NAP B . 7.45 1.33 6.56
O2A NAP B . 6.32 2.73 8.45
O5B NAP B . 8.69 3.17 7.90
C5B NAP B . 9.83 3.31 7.03
C4B NAP B . 10.93 3.93 7.90
O4B NAP B . 11.26 3.05 8.97
C3B NAP B . 12.25 4.24 7.17
O3B NAP B . 12.78 5.42 7.76
C2B NAP B . 13.11 3.00 7.50
O2B NAP B . 14.50 3.34 7.48
C1B NAP B . 12.66 2.72 8.95
N9A NAP B . 12.80 1.32 9.33
C8A NAP B . 12.47 0.25 8.61
N7A NAP B . 12.69 -0.84 9.24
C5A NAP B . 13.17 -0.52 10.46
C6A NAP B . 13.59 -1.28 11.57
N6A NAP B . 13.56 -2.62 11.58
N1A NAP B . 14.03 -0.58 12.64
C2A NAP B . 14.07 0.76 12.66
N3A NAP B . 13.68 1.53 11.61
C4A NAP B . 13.23 0.89 10.52
O3 NAP B . 6.95 3.91 6.34
PN NAP B . 6.31 4.09 4.87
O1N NAP B . 5.49 5.34 4.95
O2N NAP B . 7.39 4.06 3.85
O5D NAP B . 5.27 2.90 4.64
C5D NAP B . 5.63 1.62 4.10
C4D NAP B . 5.25 1.53 2.62
O4D NAP B . 3.82 1.62 2.48
C3D NAP B . 5.74 2.69 1.73
O3D NAP B . 7.16 2.59 1.47
C2D NAP B . 4.86 2.44 0.50
O2D NAP B . 5.35 1.31 -0.22
C1D NAP B . 3.51 2.16 1.19
N1N NAP B . 2.69 3.42 1.38
C2N NAP B . 1.58 3.56 0.62
C3N NAP B . 0.80 4.69 0.72
C7N NAP B . -0.47 4.84 -0.07
O7N NAP B . -1.02 5.93 -0.15
N7N NAP B . -0.99 3.73 -0.63
C4N NAP B . 1.16 5.69 1.62
C5N NAP B . 2.29 5.52 2.42
C6N NAP B . 3.05 4.36 2.29
P2B NAP B . 15.55 2.84 6.38
O1X NAP B . 16.11 1.47 6.89
O2X NAP B . 14.79 2.68 5.01
O3X NAP B . 16.61 3.90 6.36
N1 37V C . 1.03 11.72 0.33
C3 37V C . 0.02 12.31 1.20
C4 37V C . -1.28 12.50 0.46
S5 37V C . -1.32 12.29 -1.31
C6 37V C . -3.03 12.67 -1.21
C7 37V C . -3.92 12.73 -2.30
C8 37V C . -5.25 13.05 -2.01
C9 37V C . -5.65 13.31 -0.69
C10 37V C . -4.74 13.25 0.39
C12 37V C . -3.43 12.92 0.10
N13 37V C . -2.39 12.81 0.97
C19 37V C . 2.00 12.49 -0.21
O20 37V C . 2.04 13.70 -0.04
C21 37V C . 3.01 11.82 -1.12
C22 37V C . 3.55 12.58 -2.16
C24 37V C . 4.44 12.03 -3.06
C26 37V C . 4.80 10.69 -2.91
F27 37V C . 5.65 10.14 -3.76
C28 37V C . 4.27 9.91 -1.88
C30 37V C . 3.37 10.49 -0.98
O31 37V C . 2.84 9.78 0.08
C32 37V C . 2.86 8.35 -0.03
C33 37V C . 1.75 7.92 -0.95
O34 37V C . 1.85 6.65 -1.32
O36 37V C . 0.85 8.69 -1.28
#